data_3FEI
#
_entry.id   3FEI
#
_cell.length_a   42.528
_cell.length_b   75.705
_cell.length_c   97.891
_cell.angle_alpha   90.00
_cell.angle_beta   90.00
_cell.angle_gamma   90.00
#
_symmetry.space_group_name_H-M   'P 21 21 21'
#
loop_
_entity.id
_entity.type
_entity.pdbx_description
1 polymer 'Peroxisome proliferator-activated receptor alpha'
2 polymer 'Peptide motif 5 of Nuclear receptor coactivator 1'
3 non-polymer '(2S)-3-(4-{[2-(4-chlorophenyl)-1,3-thiazol-4-yl]methoxy}-2-methylphenyl)-2-ethoxypropanoic acid'
4 water water
#
loop_
_entity_poly.entity_id
_entity_poly.type
_entity_poly.pdbx_seq_one_letter_code
_entity_poly.pdbx_strand_id
1 'polypeptide(L)'
;DLKSLAKRIYEAYLKNFNMNKVKARVILSGKASNNPPFVIHDMETLCMAEKTLVAKLVANGIQNKEAEVRIFHCCQCTSV
ETVTELTEFAKAIPGFANLDLNDQVTLLKYGVYEAIFAMLSSVMNKDGMLVAYGNGFITREFLKSLRKPFCDIMEPKFDF
AMKFNALELDDSDISLFVAAIICCGDRPGLLNVGHIEKMQEGIVHVLRLHLQSNHPDDIFLFPKLLQKMADLRQLVTEHA
QLVQIIKKTESDAALHPLLQEIYRDMY
;
A
2 'polypeptide(L)' KDHQLLRYLLDKD Z
#
# COMPACT_ATOMS: atom_id res chain seq x y z
N ASP A 1 -1.21 7.20 -27.84
CA ASP A 1 -2.20 6.23 -27.26
C ASP A 1 -1.59 5.17 -26.30
N LEU A 2 -2.39 4.17 -25.93
CA LEU A 2 -2.13 3.35 -24.74
C LEU A 2 -2.00 1.84 -24.98
N LYS A 3 -1.35 1.46 -26.08
CA LYS A 3 -1.12 0.04 -26.34
C LYS A 3 0.08 -0.50 -25.54
N SER A 4 0.95 0.41 -25.12
CA SER A 4 2.18 0.05 -24.38
C SER A 4 2.09 0.33 -22.87
N LEU A 5 0.96 0.88 -22.44
CA LEU A 5 0.77 1.38 -21.07
C LEU A 5 0.79 0.29 -19.98
N ALA A 6 0.07 -0.80 -20.23
CA ALA A 6 0.02 -1.93 -19.32
C ALA A 6 1.41 -2.54 -19.14
N LYS A 7 2.12 -2.73 -20.26
CA LYS A 7 3.46 -3.28 -20.25
C LYS A 7 4.41 -2.44 -19.39
N ARG A 8 4.38 -1.13 -19.60
CA ARG A 8 5.24 -0.21 -18.86
C ARG A 8 4.98 -0.20 -17.36
N ILE A 9 3.70 -0.26 -16.98
CA ILE A 9 3.27 -0.19 -15.59
C ILE A 9 3.64 -1.48 -14.86
N TYR A 10 3.40 -2.62 -15.52
CA TYR A 10 3.73 -3.92 -14.98
C TYR A 10 5.23 -4.13 -14.83
N GLU A 11 5.98 -3.71 -15.84
CA GLU A 11 7.43 -3.77 -15.78
C GLU A 11 7.94 -2.87 -14.66
N ALA A 12 7.39 -1.66 -14.53
CA ALA A 12 7.78 -0.76 -13.45
C ALA A 12 7.50 -1.36 -12.06
N TYR A 13 6.41 -2.11 -11.96
CA TYR A 13 5.99 -2.73 -10.71
C TYR A 13 6.96 -3.84 -10.33
N LEU A 14 7.27 -4.72 -11.26
CA LEU A 14 8.19 -5.81 -11.03
C LEU A 14 9.62 -5.35 -10.65
N LYS A 15 10.08 -4.29 -11.31
CA LYS A 15 11.42 -3.72 -11.07
C LYS A 15 11.55 -2.99 -9.75
N ASN A 16 10.48 -2.38 -9.28
CA ASN A 16 10.58 -1.47 -8.15
C ASN A 16 10.16 -2.03 -6.81
N PHE A 17 9.38 -3.10 -6.80
CA PHE A 17 8.88 -3.63 -5.54
C PHE A 17 9.60 -4.91 -5.15
N ASN A 18 10.38 -4.86 -4.07
CA ASN A 18 11.13 -6.03 -3.58
C ASN A 18 10.24 -7.24 -3.34
N MET A 19 9.02 -7.00 -2.87
CA MET A 19 8.05 -8.07 -2.67
C MET A 19 6.92 -7.99 -3.71
N ASN A 20 6.52 -9.15 -4.23
CA ASN A 20 5.33 -9.27 -5.09
C ASN A 20 4.49 -10.50 -4.75
N LYS A 21 3.36 -10.66 -5.43
CA LYS A 21 2.45 -11.73 -5.06
C LYS A 21 2.99 -13.13 -5.35
N VAL A 22 3.75 -13.31 -6.44
CA VAL A 22 4.35 -14.62 -6.71
C VAL A 22 5.37 -14.98 -5.62
N LYS A 23 6.27 -14.07 -5.30
CA LYS A 23 7.24 -14.28 -4.24
C LYS A 23 6.56 -14.55 -2.89
N ALA A 24 5.60 -13.71 -2.54
CA ALA A 24 4.91 -13.82 -1.26
C ALA A 24 4.12 -15.13 -1.16
N ARG A 25 3.49 -15.53 -2.27
CA ARG A 25 2.67 -16.73 -2.23
C ARG A 25 3.47 -18.04 -2.12
N VAL A 26 4.65 -18.12 -2.74
CA VAL A 26 5.46 -19.35 -2.64
C VAL A 26 6.24 -19.44 -1.32
N ILE A 27 6.49 -18.32 -0.67
CA ILE A 27 7.05 -18.34 0.68
C ILE A 27 5.99 -18.77 1.68
N LEU A 28 4.78 -18.22 1.56
CA LEU A 28 3.68 -18.55 2.46
C LEU A 28 3.13 -19.97 2.26
N SER A 29 3.12 -20.44 1.01
CA SER A 29 2.41 -21.65 0.62
C SER A 29 3.34 -22.69 0.02
N PRO A 37 10.52 -19.26 6.84
CA PRO A 37 10.35 -18.02 7.61
C PRO A 37 10.27 -18.25 9.13
N PHE A 38 11.06 -17.47 9.86
CA PHE A 38 11.07 -17.46 11.33
C PHE A 38 9.74 -16.93 11.88
N VAL A 39 9.08 -17.74 12.71
CA VAL A 39 7.78 -17.36 13.27
C VAL A 39 7.91 -16.46 14.50
N ILE A 40 7.18 -15.35 14.49
CA ILE A 40 7.05 -14.49 15.66
C ILE A 40 5.63 -14.65 16.24
N HIS A 41 5.57 -15.26 17.42
CA HIS A 41 4.29 -15.63 18.06
C HIS A 41 4.23 -15.19 19.53
N ASP A 42 5.37 -14.69 20.04
CA ASP A 42 5.50 -14.20 21.40
C ASP A 42 6.62 -13.16 21.51
N MET A 43 6.86 -12.68 22.73
CA MET A 43 7.90 -11.67 23.00
C MET A 43 9.34 -12.16 22.77
N GLU A 44 9.61 -13.41 23.14
CA GLU A 44 10.94 -13.99 22.96
C GLU A 44 11.30 -14.10 21.47
N THR A 45 10.36 -14.56 20.65
CA THR A 45 10.56 -14.64 19.19
C THR A 45 10.68 -13.25 18.55
N LEU A 46 9.93 -12.28 19.06
CA LEU A 46 10.06 -10.89 18.63
C LEU A 46 11.50 -10.36 18.80
N CYS A 47 12.12 -10.72 19.93
CA CYS A 47 13.45 -10.23 20.29
C CYS A 47 14.59 -10.90 19.50
N MET A 48 14.42 -12.18 19.19
CA MET A 48 15.32 -12.92 18.29
C MET A 48 15.34 -12.30 16.88
N ALA A 49 14.16 -11.97 16.37
CA ALA A 49 14.01 -11.37 15.04
C ALA A 49 14.44 -9.91 15.01
N GLU A 50 14.51 -9.29 16.19
CA GLU A 50 14.82 -7.88 16.35
C GLU A 50 16.32 -7.60 16.39
N LYS A 65 12.16 1.31 25.37
CA LYS A 65 12.20 0.46 24.18
C LYS A 65 11.19 -0.71 24.30
N GLU A 66 9.92 -0.39 24.54
CA GLU A 66 8.86 -1.38 24.77
C GLU A 66 8.46 -2.16 23.50
N ALA A 67 7.82 -3.32 23.69
CA ALA A 67 7.40 -4.20 22.59
C ALA A 67 6.51 -3.51 21.54
N GLU A 68 5.25 -3.25 21.90
CA GLU A 68 4.29 -2.60 21.02
C GLU A 68 4.88 -1.41 20.26
N VAL A 69 5.68 -0.60 20.95
CA VAL A 69 6.33 0.58 20.40
C VAL A 69 7.39 0.23 19.35
N ARG A 70 8.01 -0.94 19.50
CA ARG A 70 9.05 -1.40 18.57
C ARG A 70 8.42 -2.02 17.32
N ILE A 71 7.23 -2.60 17.45
CA ILE A 71 6.45 -3.08 16.31
C ILE A 71 5.90 -1.90 15.46
N PHE A 72 5.36 -0.90 16.16
CA PHE A 72 4.92 0.36 15.59
C PHE A 72 6.04 0.98 14.75
N HIS A 73 7.26 0.98 15.30
CA HIS A 73 8.44 1.52 14.64
C HIS A 73 8.81 0.69 13.41
N CYS A 74 8.58 -0.62 13.47
CA CYS A 74 8.88 -1.57 12.39
C CYS A 74 7.97 -1.41 11.17
N CYS A 75 6.68 -1.19 11.42
CA CYS A 75 5.73 -0.89 10.36
C CYS A 75 6.11 0.39 9.62
N GLN A 76 6.54 1.39 10.36
CA GLN A 76 7.01 2.65 9.76
C GLN A 76 8.16 2.43 8.81
N CYS A 77 9.15 1.65 9.24
CA CYS A 77 10.29 1.33 8.39
C CYS A 77 9.84 0.77 7.05
N THR A 78 8.98 -0.26 7.09
CA THR A 78 8.39 -0.87 5.91
C THR A 78 7.65 0.15 5.04
N SER A 79 6.78 0.94 5.66
CA SER A 79 6.10 2.05 4.98
C SER A 79 7.06 2.96 4.26
N VAL A 80 8.10 3.41 4.97
CA VAL A 80 9.11 4.31 4.42
C VAL A 80 9.78 3.67 3.20
N GLU A 81 10.15 2.40 3.31
CA GLU A 81 10.76 1.69 2.19
C GLU A 81 9.78 1.58 1.01
N THR A 82 8.53 1.19 1.29
CA THR A 82 7.50 1.03 0.27
C THR A 82 7.20 2.33 -0.48
N VAL A 83 7.16 3.46 0.25
CA VAL A 83 6.96 4.79 -0.33
C VAL A 83 8.09 5.10 -1.30
N THR A 84 9.30 4.78 -0.84
CA THR A 84 10.52 4.86 -1.63
C THR A 84 10.33 4.09 -2.95
N GLU A 85 9.83 2.86 -2.85
CA GLU A 85 9.52 2.07 -4.04
C GLU A 85 8.37 2.64 -4.91
N LEU A 86 7.33 3.16 -4.24
CA LEU A 86 6.14 3.72 -4.90
C LEU A 86 6.46 4.99 -5.70
N THR A 87 7.40 5.78 -5.18
CA THR A 87 7.90 7.00 -5.82
C THR A 87 8.58 6.68 -7.15
N GLU A 88 9.45 5.68 -7.14
CA GLU A 88 10.08 5.17 -8.37
C GLU A 88 9.06 4.59 -9.36
N PHE A 89 8.22 3.66 -8.88
CA PHE A 89 7.10 3.14 -9.68
C PHE A 89 6.29 4.29 -10.32
N ALA A 90 5.93 5.31 -9.55
CA ALA A 90 5.14 6.42 -10.12
C ALA A 90 5.87 7.16 -11.23
N LYS A 91 7.16 7.45 -11.02
CA LYS A 91 7.95 8.18 -12.03
C LYS A 91 7.95 7.46 -13.37
N ALA A 92 7.83 6.13 -13.30
CA ALA A 92 7.78 5.28 -14.49
C ALA A 92 6.38 5.15 -15.13
N ILE A 93 5.34 5.63 -14.47
CA ILE A 93 4.01 5.63 -15.07
C ILE A 93 3.97 6.73 -16.15
N PRO A 94 3.73 6.34 -17.42
CA PRO A 94 3.73 7.29 -18.56
C PRO A 94 2.88 8.52 -18.29
N GLY A 95 3.51 9.70 -18.36
CA GLY A 95 2.79 10.96 -18.16
C GLY A 95 2.95 11.56 -16.78
N PHE A 96 3.37 10.73 -15.81
CA PHE A 96 3.46 11.13 -14.40
C PHE A 96 4.62 12.09 -14.11
N ALA A 97 5.79 11.80 -14.68
CA ALA A 97 6.96 12.68 -14.51
C ALA A 97 6.79 14.01 -15.26
N ASN A 98 5.80 14.08 -16.15
CA ASN A 98 5.46 15.29 -16.89
C ASN A 98 4.63 16.29 -16.08
N LEU A 99 4.09 15.86 -14.95
CA LEU A 99 3.26 16.69 -14.09
C LEU A 99 4.09 17.66 -13.27
N ASP A 100 3.48 18.75 -12.82
CA ASP A 100 4.16 19.66 -11.90
C ASP A 100 4.62 18.93 -10.65
N LEU A 101 5.82 19.25 -10.21
CA LEU A 101 6.42 18.59 -9.07
C LEU A 101 5.54 18.63 -7.81
N ASN A 102 4.72 19.68 -7.70
CA ASN A 102 3.78 19.81 -6.59
C ASN A 102 2.56 18.88 -6.73
N ASP A 103 2.20 18.56 -7.97
CA ASP A 103 1.14 17.62 -8.26
C ASP A 103 1.57 16.18 -8.03
N GLN A 104 2.84 15.89 -8.29
CA GLN A 104 3.42 14.58 -8.04
C GLN A 104 3.49 14.33 -6.54
N VAL A 105 3.69 15.40 -5.77
CA VAL A 105 3.74 15.31 -4.32
C VAL A 105 2.34 15.02 -3.77
N THR A 106 1.37 15.82 -4.19
CA THR A 106 -0.04 15.62 -3.86
C THR A 106 -0.53 14.18 -4.10
N LEU A 107 -0.23 13.64 -5.29
CA LEU A 107 -0.64 12.29 -5.66
C LEU A 107 -0.05 11.17 -4.76
N LEU A 108 1.25 11.23 -4.53
CA LEU A 108 1.93 10.23 -3.72
C LEU A 108 1.52 10.38 -2.28
N LYS A 109 1.38 11.64 -1.85
CA LYS A 109 0.96 11.96 -0.51
C LYS A 109 -0.40 11.32 -0.19
N TYR A 110 -1.34 11.41 -1.12
CA TYR A 110 -2.69 10.90 -0.90
C TYR A 110 -2.96 9.46 -1.39
N GLY A 111 -2.11 8.93 -2.26
CA GLY A 111 -2.32 7.59 -2.81
C GLY A 111 -1.51 6.49 -2.13
N VAL A 112 -0.49 6.91 -1.39
CA VAL A 112 0.60 6.04 -0.99
C VAL A 112 0.13 4.96 0.00
N TYR A 113 -0.63 5.35 1.02
CA TYR A 113 -1.14 4.40 2.00
C TYR A 113 -2.24 3.48 1.44
N GLU A 114 -3.04 3.99 0.50
CA GLU A 114 -3.98 3.16 -0.24
C GLU A 114 -3.22 2.08 -1.01
N ALA A 115 -2.11 2.46 -1.64
CA ALA A 115 -1.29 1.51 -2.38
C ALA A 115 -0.61 0.50 -1.43
N ILE A 116 -0.13 0.98 -0.29
CA ILE A 116 0.57 0.13 0.66
C ILE A 116 -0.33 -1.03 1.12
N PHE A 117 -1.54 -0.71 1.58
CA PHE A 117 -2.45 -1.78 2.08
C PHE A 117 -3.03 -2.69 1.03
N ALA A 118 -3.14 -2.20 -0.21
CA ALA A 118 -3.52 -3.06 -1.34
C ALA A 118 -2.39 -4.06 -1.66
N MET A 119 -1.15 -3.58 -1.67
CA MET A 119 -0.01 -4.48 -1.89
C MET A 119 0.28 -5.37 -0.65
N LEU A 120 -0.01 -4.86 0.55
CA LEU A 120 0.22 -5.61 1.77
C LEU A 120 -0.67 -6.87 1.84
N SER A 121 -1.82 -6.85 1.18
CA SER A 121 -2.68 -8.03 1.10
C SER A 121 -1.92 -9.24 0.61
N SER A 122 -1.02 -9.01 -0.36
CA SER A 122 -0.24 -10.08 -0.99
C SER A 122 0.57 -10.92 -0.01
N VAL A 123 0.97 -10.35 1.12
CA VAL A 123 1.82 -11.05 2.11
C VAL A 123 1.05 -11.58 3.32
N MET A 124 -0.29 -11.54 3.24
CA MET A 124 -1.14 -11.92 4.35
C MET A 124 -2.01 -13.15 4.06
N ASN A 125 -2.04 -14.08 5.01
CA ASN A 125 -3.07 -15.12 4.99
C ASN A 125 -3.92 -14.97 6.24
N LYS A 126 -4.77 -15.95 6.52
CA LYS A 126 -5.69 -15.88 7.66
C LYS A 126 -4.96 -16.03 8.99
N ASP A 127 -3.70 -16.45 8.93
CA ASP A 127 -2.94 -16.81 10.12
C ASP A 127 -1.84 -15.81 10.45
N GLY A 128 -1.52 -14.94 9.49
CA GLY A 128 -0.45 -13.98 9.68
C GLY A 128 0.09 -13.46 8.36
N MET A 129 1.26 -12.84 8.44
CA MET A 129 1.84 -12.11 7.33
C MET A 129 3.34 -12.17 7.32
N LEU A 130 3.93 -11.96 6.13
CA LEU A 130 5.38 -11.94 5.96
C LEU A 130 5.99 -10.61 6.37
N VAL A 131 7.19 -10.70 6.98
CA VAL A 131 7.97 -9.52 7.38
C VAL A 131 9.45 -9.75 7.04
N ALA A 132 10.29 -8.72 7.22
CA ALA A 132 11.72 -8.81 6.87
C ALA A 132 11.95 -9.61 5.56
N TYR A 133 11.30 -9.13 4.50
CA TYR A 133 11.53 -9.57 3.12
C TYR A 133 11.24 -11.03 2.86
N GLY A 134 10.21 -11.55 3.53
CA GLY A 134 9.89 -12.98 3.47
C GLY A 134 10.59 -13.84 4.53
N ASN A 135 11.69 -13.33 5.11
CA ASN A 135 12.46 -14.08 6.11
C ASN A 135 11.73 -14.30 7.43
N GLY A 136 10.73 -13.45 7.69
CA GLY A 136 9.96 -13.55 8.92
C GLY A 136 8.49 -13.75 8.66
N PHE A 137 7.81 -14.33 9.64
CA PHE A 137 6.38 -14.44 9.61
C PHE A 137 5.88 -14.08 11.00
N ILE A 138 4.98 -13.10 11.07
CA ILE A 138 4.35 -12.68 12.32
C ILE A 138 2.88 -13.09 12.30
N THR A 139 2.42 -13.64 13.40
CA THR A 139 1.13 -14.29 13.44
C THR A 139 0.02 -13.29 13.72
N ARG A 140 -1.16 -13.60 13.22
CA ARG A 140 -2.32 -12.75 13.42
C ARG A 140 -2.70 -12.67 14.90
N GLU A 141 -2.56 -13.80 15.58
CA GLU A 141 -2.95 -13.92 16.99
C GLU A 141 -2.01 -13.15 17.88
N PHE A 142 -0.71 -13.24 17.61
CA PHE A 142 0.27 -12.46 18.38
C PHE A 142 -0.03 -10.95 18.31
N LEU A 143 -0.36 -10.48 17.10
CA LEU A 143 -0.71 -9.08 16.88
C LEU A 143 -1.99 -8.63 17.60
N LYS A 144 -3.03 -9.47 17.51
CA LYS A 144 -4.29 -9.26 18.24
C LYS A 144 -4.14 -9.19 19.76
N SER A 145 -3.00 -9.68 20.27
CA SER A 145 -2.79 -9.86 21.70
C SER A 145 -1.83 -8.83 22.27
N LEU A 146 -1.65 -7.70 21.57
CA LEU A 146 -0.84 -6.64 22.12
C LEU A 146 -1.74 -5.76 22.99
N ARG A 147 -1.15 -4.85 23.76
CA ARG A 147 -1.98 -4.00 24.63
C ARG A 147 -2.66 -2.93 23.78
N LYS A 148 -3.90 -2.61 24.15
CA LYS A 148 -4.62 -1.52 23.52
C LYS A 148 -3.78 -0.24 23.57
N PRO A 149 -3.77 0.54 22.46
CA PRO A 149 -4.55 0.34 21.23
C PRO A 149 -3.79 -0.34 20.08
N PHE A 150 -2.57 -0.82 20.36
CA PHE A 150 -1.70 -1.42 19.33
C PHE A 150 -2.25 -2.69 18.69
N CYS A 151 -3.06 -3.42 19.43
CA CYS A 151 -3.72 -4.62 18.93
C CYS A 151 -4.76 -4.30 17.85
N ASP A 152 -5.03 -3.01 17.65
CA ASP A 152 -6.04 -2.56 16.68
C ASP A 152 -5.44 -2.21 15.31
N ILE A 153 -4.11 -2.27 15.22
CA ILE A 153 -3.38 -1.83 14.03
C ILE A 153 -3.49 -2.79 12.83
N MET A 154 -3.22 -4.07 13.06
CA MET A 154 -3.19 -5.06 11.98
C MET A 154 -4.52 -5.71 11.62
N GLU A 155 -5.38 -5.90 12.61
CA GLU A 155 -6.60 -6.68 12.38
C GLU A 155 -7.51 -6.18 11.24
N PRO A 156 -7.80 -4.86 11.16
CA PRO A 156 -8.58 -4.37 10.01
C PRO A 156 -7.90 -4.61 8.66
N LYS A 157 -6.57 -4.66 8.65
CA LYS A 157 -5.83 -4.91 7.40
C LYS A 157 -5.98 -6.36 6.95
N PHE A 158 -5.91 -7.29 7.91
CA PHE A 158 -6.23 -8.70 7.70
C PHE A 158 -7.64 -8.84 7.15
N ASP A 159 -8.56 -8.13 7.78
CA ASP A 159 -9.95 -8.15 7.37
C ASP A 159 -10.09 -7.75 5.90
N PHE A 160 -9.46 -6.62 5.53
CA PHE A 160 -9.48 -6.18 4.14
C PHE A 160 -8.78 -7.18 3.21
N ALA A 161 -7.62 -7.64 3.64
CA ALA A 161 -6.80 -8.55 2.84
C ALA A 161 -7.54 -9.83 2.47
N MET A 162 -8.20 -10.47 3.45
CA MET A 162 -8.94 -11.71 3.18
C MET A 162 -9.90 -11.57 1.99
N LYS A 163 -10.68 -10.49 1.97
CA LYS A 163 -11.66 -10.25 0.91
C LYS A 163 -10.99 -9.88 -0.41
N PHE A 164 -9.89 -9.13 -0.34
CA PHE A 164 -9.11 -8.71 -1.51
C PHE A 164 -8.38 -9.88 -2.15
N ASN A 165 -7.72 -10.69 -1.32
CA ASN A 165 -7.04 -11.91 -1.78
C ASN A 165 -8.00 -12.93 -2.38
N ALA A 166 -9.25 -12.90 -1.92
CA ALA A 166 -10.30 -13.76 -2.46
C ALA A 166 -10.68 -13.42 -3.91
N LEU A 167 -10.29 -12.22 -4.37
CA LEU A 167 -10.51 -11.80 -5.77
C LEU A 167 -9.51 -12.45 -6.73
N GLU A 168 -8.53 -13.14 -6.15
CA GLU A 168 -7.52 -13.92 -6.87
C GLU A 168 -6.75 -13.19 -7.98
N LEU A 169 -6.46 -11.90 -7.73
CA LEU A 169 -5.66 -11.08 -8.63
C LEU A 169 -4.20 -11.53 -8.67
N ASP A 170 -3.56 -11.33 -9.81
CA ASP A 170 -2.12 -11.55 -9.92
C ASP A 170 -1.41 -10.18 -9.98
N ASP A 171 -0.08 -10.18 -10.04
CA ASP A 171 0.69 -8.94 -10.03
C ASP A 171 0.34 -8.02 -11.19
N SER A 172 0.02 -8.58 -12.36
CA SER A 172 -0.28 -7.73 -13.52
C SER A 172 -1.52 -6.87 -13.25
N ASP A 173 -2.53 -7.47 -12.60
CA ASP A 173 -3.75 -6.75 -12.24
C ASP A 173 -3.42 -5.69 -11.22
N ILE A 174 -2.61 -6.08 -10.23
CA ILE A 174 -2.20 -5.21 -9.13
C ILE A 174 -1.40 -3.98 -9.60
N SER A 175 -0.47 -4.17 -10.53
CA SER A 175 0.29 -3.04 -11.05
C SER A 175 -0.63 -1.94 -11.58
N LEU A 176 -1.65 -2.33 -12.34
CA LEU A 176 -2.60 -1.39 -12.97
C LEU A 176 -3.49 -0.77 -11.94
N PHE A 177 -3.98 -1.61 -11.04
CA PHE A 177 -4.75 -1.16 -9.87
C PHE A 177 -3.99 -0.12 -9.02
N VAL A 178 -2.73 -0.38 -8.72
CA VAL A 178 -1.90 0.56 -7.93
C VAL A 178 -1.64 1.87 -8.68
N ALA A 179 -1.32 1.77 -9.97
CA ALA A 179 -1.22 2.96 -10.85
C ALA A 179 -2.48 3.84 -10.82
N ALA A 180 -3.67 3.24 -10.81
CA ALA A 180 -4.94 3.97 -10.83
C ALA A 180 -5.22 4.63 -9.49
N ILE A 181 -4.87 3.94 -8.41
CA ILE A 181 -4.85 4.55 -7.09
C ILE A 181 -4.01 5.83 -7.07
N ILE A 182 -2.81 5.81 -7.64
CA ILE A 182 -1.93 6.99 -7.60
C ILE A 182 -2.40 8.16 -8.50
N CYS A 183 -2.69 7.84 -9.76
CA CYS A 183 -3.08 8.87 -10.72
C CYS A 183 -4.55 9.19 -10.57
N CYS A 184 -4.89 9.85 -9.48
CA CYS A 184 -6.27 10.02 -9.08
C CYS A 184 -6.61 11.51 -9.12
N GLY A 185 -7.63 11.86 -9.90
CA GLY A 185 -7.93 13.26 -10.20
C GLY A 185 -8.67 14.05 -9.15
N ASP A 186 -9.11 13.40 -8.07
CA ASP A 186 -9.82 14.14 -7.01
C ASP A 186 -9.06 14.29 -5.71
N ARG A 187 -7.74 14.09 -5.75
CA ARG A 187 -6.92 14.35 -4.57
C ARG A 187 -6.96 15.86 -4.32
N PRO A 188 -7.09 16.26 -3.04
CA PRO A 188 -7.26 17.67 -2.68
C PRO A 188 -6.07 18.51 -3.13
N GLY A 189 -6.34 19.72 -3.63
CA GLY A 189 -5.29 20.69 -3.94
C GLY A 189 -4.50 20.44 -5.21
N LEU A 190 -5.09 19.65 -6.11
CA LEU A 190 -4.45 19.38 -7.41
C LEU A 190 -4.53 20.61 -8.32
N LEU A 191 -3.43 20.89 -9.00
CA LEU A 191 -3.35 22.05 -9.91
C LEU A 191 -3.94 21.72 -11.27
N ASN A 192 -3.36 20.73 -11.95
CA ASN A 192 -3.89 20.29 -13.24
C ASN A 192 -4.79 19.05 -13.16
N VAL A 193 -5.99 19.22 -12.60
CA VAL A 193 -6.96 18.13 -12.48
C VAL A 193 -7.27 17.46 -13.84
N GLY A 194 -7.38 18.30 -14.88
CA GLY A 194 -7.73 17.86 -16.23
C GLY A 194 -6.80 16.83 -16.81
N HIS A 195 -5.49 17.11 -16.76
CA HIS A 195 -4.50 16.15 -17.26
C HIS A 195 -4.49 14.81 -16.49
N ILE A 196 -4.60 14.90 -15.16
CA ILE A 196 -4.56 13.75 -14.26
C ILE A 196 -5.81 12.88 -14.41
N GLU A 197 -6.97 13.52 -14.58
CA GLU A 197 -8.22 12.83 -14.94
C GLU A 197 -8.07 12.07 -16.26
N LYS A 198 -7.27 12.62 -17.17
CA LYS A 198 -7.03 11.99 -18.47
C LYS A 198 -6.08 10.80 -18.37
N MET A 199 -4.99 11.02 -17.64
CA MET A 199 -4.12 9.94 -17.20
C MET A 199 -4.91 8.80 -16.54
N GLN A 200 -5.76 9.13 -15.57
CA GLN A 200 -6.52 8.09 -14.89
C GLN A 200 -7.43 7.35 -15.86
N GLU A 201 -8.13 8.11 -16.70
CA GLU A 201 -9.03 7.55 -17.71
C GLU A 201 -8.34 6.48 -18.56
N GLY A 202 -7.12 6.77 -18.99
CA GLY A 202 -6.29 5.81 -19.73
C GLY A 202 -5.99 4.55 -18.95
N ILE A 203 -5.61 4.69 -17.68
CA ILE A 203 -5.24 3.54 -16.83
C ILE A 203 -6.44 2.66 -16.52
N VAL A 204 -7.54 3.26 -16.09
CA VAL A 204 -8.77 2.54 -15.81
C VAL A 204 -9.24 1.78 -17.06
N HIS A 205 -9.10 2.40 -18.22
CA HIS A 205 -9.52 1.78 -19.45
C HIS A 205 -8.68 0.51 -19.71
N VAL A 206 -7.36 0.66 -19.63
CA VAL A 206 -6.44 -0.45 -19.87
C VAL A 206 -6.61 -1.55 -18.83
N LEU A 207 -6.96 -1.17 -17.60
CA LEU A 207 -7.22 -2.11 -16.52
C LEU A 207 -8.49 -2.92 -16.77
N ARG A 208 -9.54 -2.24 -17.24
CA ARG A 208 -10.80 -2.90 -17.60
C ARG A 208 -10.55 -4.00 -18.62
N LEU A 209 -9.84 -3.65 -19.69
CA LEU A 209 -9.48 -4.58 -20.75
C LEU A 209 -8.64 -5.74 -20.23
N HIS A 210 -7.69 -5.43 -19.35
CA HIS A 210 -6.79 -6.44 -18.83
C HIS A 210 -7.50 -7.50 -18.01
N LEU A 211 -8.41 -7.05 -17.15
CA LEU A 211 -9.17 -7.96 -16.28
C LEU A 211 -10.08 -8.88 -17.08
N GLN A 212 -10.66 -8.34 -18.16
CA GLN A 212 -11.53 -9.10 -19.06
C GLN A 212 -10.83 -10.30 -19.71
N SER A 213 -9.59 -10.09 -20.16
CA SER A 213 -8.83 -11.17 -20.79
C SER A 213 -8.13 -12.05 -19.77
N ASN A 214 -7.65 -11.45 -18.67
CA ASN A 214 -6.97 -12.21 -17.62
C ASN A 214 -7.91 -13.02 -16.71
N HIS A 215 -9.14 -12.51 -16.52
CA HIS A 215 -10.11 -13.16 -15.63
C HIS A 215 -11.50 -13.22 -16.28
N PRO A 216 -11.63 -13.94 -17.42
CA PRO A 216 -12.83 -13.90 -18.27
C PRO A 216 -14.11 -14.37 -17.57
N ASP A 217 -13.98 -15.33 -16.67
CA ASP A 217 -15.12 -15.88 -15.92
C ASP A 217 -15.68 -14.92 -14.86
N ASP A 218 -14.86 -14.00 -14.38
CA ASP A 218 -15.30 -13.04 -13.36
C ASP A 218 -15.82 -11.77 -14.04
N ILE A 219 -17.14 -11.74 -14.22
CA ILE A 219 -17.82 -10.68 -14.98
C ILE A 219 -17.78 -9.35 -14.24
N PHE A 220 -17.90 -9.42 -12.92
CA PHE A 220 -17.97 -8.22 -12.10
C PHE A 220 -16.64 -7.80 -11.45
N LEU A 221 -15.53 -8.46 -11.81
CA LEU A 221 -14.22 -8.14 -11.21
C LEU A 221 -13.90 -6.63 -11.25
N PHE A 222 -14.04 -6.01 -12.42
CA PHE A 222 -13.81 -4.59 -12.55
C PHE A 222 -14.59 -3.75 -11.50
N PRO A 223 -15.95 -3.76 -11.55
CA PRO A 223 -16.74 -3.14 -10.49
C PRO A 223 -16.38 -3.55 -9.05
N LYS A 224 -15.89 -4.78 -8.86
CA LYS A 224 -15.47 -5.21 -7.52
C LYS A 224 -14.18 -4.49 -7.08
N LEU A 225 -13.21 -4.38 -7.98
CA LEU A 225 -12.00 -3.57 -7.71
C LEU A 225 -12.33 -2.13 -7.35
N LEU A 226 -13.11 -1.45 -8.20
CA LEU A 226 -13.63 -0.10 -7.92
C LEU A 226 -14.19 0.03 -6.50
N GLN A 227 -14.96 -0.96 -6.06
CA GLN A 227 -15.41 -1.00 -4.67
C GLN A 227 -14.23 -1.04 -3.69
N LYS A 228 -13.21 -1.84 -4.01
CA LYS A 228 -12.01 -1.92 -3.17
C LYS A 228 -11.25 -0.59 -3.06
N MET A 229 -11.21 0.19 -4.14
CA MET A 229 -10.61 1.51 -4.10
C MET A 229 -11.25 2.38 -3.02
N ALA A 230 -12.59 2.43 -2.98
CA ALA A 230 -13.32 3.19 -1.94
C ALA A 230 -13.15 2.59 -0.54
N ASP A 231 -13.01 1.27 -0.46
CA ASP A 231 -12.77 0.59 0.82
C ASP A 231 -11.40 0.94 1.38
N LEU A 232 -10.43 1.11 0.47
CA LEU A 232 -9.08 1.44 0.86
C LEU A 232 -9.00 2.84 1.44
N ARG A 233 -9.70 3.78 0.79
CA ARG A 233 -9.82 5.17 1.28
C ARG A 233 -10.26 5.19 2.74
N GLN A 234 -11.31 4.42 3.05
CA GLN A 234 -11.83 4.32 4.41
C GLN A 234 -10.87 3.61 5.35
N LEU A 235 -10.26 2.53 4.89
CA LEU A 235 -9.21 1.85 5.64
C LEU A 235 -8.04 2.79 6.05
N VAL A 236 -7.58 3.60 5.11
CA VAL A 236 -6.53 4.60 5.37
C VAL A 236 -7.01 5.67 6.35
N THR A 237 -8.23 6.13 6.19
CA THR A 237 -8.79 7.16 7.07
C THR A 237 -8.80 6.68 8.53
N GLU A 238 -9.29 5.47 8.76
CA GLU A 238 -9.28 4.84 10.07
C GLU A 238 -7.87 4.59 10.61
N HIS A 239 -6.97 4.17 9.74
CA HIS A 239 -5.59 3.91 10.13
C HIS A 239 -4.86 5.18 10.59
N ALA A 240 -4.98 6.26 9.81
CA ALA A 240 -4.42 7.57 10.14
C ALA A 240 -4.93 8.03 11.49
N GLN A 241 -6.20 7.74 11.75
CA GLN A 241 -6.80 8.14 13.01
C GLN A 241 -6.14 7.39 14.18
N LEU A 242 -5.98 6.07 14.04
CA LEU A 242 -5.35 5.26 15.08
C LEU A 242 -3.91 5.67 15.29
N VAL A 243 -3.22 5.97 14.18
CA VAL A 243 -1.83 6.43 14.25
C VAL A 243 -1.74 7.74 15.02
N GLN A 244 -2.70 8.64 14.78
CA GLN A 244 -2.73 9.95 15.46
C GLN A 244 -3.01 9.79 16.96
N ILE A 245 -3.90 8.86 17.30
CA ILE A 245 -4.20 8.53 18.69
C ILE A 245 -2.93 8.06 19.38
N ILE A 246 -2.20 7.16 18.74
CA ILE A 246 -0.98 6.59 19.32
C ILE A 246 0.09 7.67 19.51
N LYS A 247 0.27 8.51 18.49
CA LYS A 247 1.23 9.59 18.49
C LYS A 247 1.05 10.55 19.69
N LYS A 248 -0.19 10.93 19.94
CA LYS A 248 -0.49 11.93 20.97
C LYS A 248 -0.53 11.36 22.38
N THR A 249 -0.68 10.05 22.51
CA THR A 249 -0.93 9.44 23.83
C THR A 249 0.11 8.43 24.30
N GLU A 250 1.01 8.03 23.40
CA GLU A 250 2.13 7.16 23.76
C GLU A 250 3.41 7.95 23.69
N SER A 251 4.15 7.96 24.80
CA SER A 251 5.40 8.72 24.92
C SER A 251 6.53 8.20 24.03
N ASP A 252 6.58 6.90 23.80
CA ASP A 252 7.66 6.32 23.00
C ASP A 252 7.23 6.03 21.56
N ALA A 253 6.48 6.96 20.95
CA ALA A 253 5.88 6.68 19.65
C ALA A 253 5.96 7.84 18.65
N ALA A 254 7.19 8.15 18.22
CA ALA A 254 7.43 9.16 17.18
C ALA A 254 7.18 8.57 15.79
N LEU A 255 6.89 9.45 14.83
CA LEU A 255 6.74 9.07 13.43
C LEU A 255 7.91 9.57 12.62
N HIS A 256 8.42 8.72 11.73
CA HIS A 256 9.43 9.09 10.75
C HIS A 256 9.00 10.39 10.07
N PRO A 257 9.94 11.34 9.88
CA PRO A 257 9.56 12.60 9.21
C PRO A 257 8.87 12.50 7.82
N LEU A 258 9.18 11.46 7.04
CA LEU A 258 8.49 11.24 5.75
C LEU A 258 7.02 10.91 5.97
N LEU A 259 6.77 9.98 6.89
CA LEU A 259 5.43 9.59 7.28
C LEU A 259 4.63 10.77 7.89
N GLN A 260 5.32 11.60 8.68
CA GLN A 260 4.70 12.80 9.23
C GLN A 260 4.28 13.81 8.13
N GLU A 261 5.10 13.97 7.09
CA GLU A 261 4.70 14.77 5.93
C GLU A 261 3.41 14.26 5.30
N ILE A 262 3.37 12.96 5.04
CA ILE A 262 2.25 12.31 4.36
C ILE A 262 0.96 12.48 5.17
N TYR A 263 1.04 12.25 6.49
CA TYR A 263 -0.10 12.34 7.39
C TYR A 263 -0.56 13.77 7.69
N ARG A 264 0.33 14.73 7.50
CA ARG A 264 0.04 16.14 7.81
C ARG A 264 -1.09 16.64 6.91
N ASP A 265 -2.04 17.38 7.50
CA ASP A 265 -3.20 17.94 6.80
C ASP A 265 -4.21 16.93 6.27
N MET A 266 -4.14 15.68 6.72
CA MET A 266 -4.90 14.63 6.03
C MET A 266 -6.40 14.51 6.35
N TYR A 267 -6.74 14.35 7.63
CA TYR A 267 -8.14 14.18 8.11
C TYR A 267 -9.09 13.23 7.35
N HIS B 3 6.71 19.74 1.89
CA HIS B 3 6.88 18.25 1.77
C HIS B 3 8.30 17.86 1.35
N GLN B 4 9.28 18.34 2.12
CA GLN B 4 10.70 18.25 1.80
C GLN B 4 11.16 16.88 1.28
N LEU B 5 10.88 15.84 2.05
CA LEU B 5 11.42 14.51 1.79
C LEU B 5 10.76 13.78 0.62
N LEU B 6 9.45 13.96 0.45
CA LEU B 6 8.73 13.36 -0.67
C LEU B 6 9.15 14.05 -1.96
N ARG B 7 9.25 15.38 -1.88
CA ARG B 7 9.84 16.20 -2.94
C ARG B 7 11.28 15.76 -3.27
N TYR B 8 12.04 15.42 -2.23
CA TYR B 8 13.41 14.92 -2.38
C TYR B 8 13.47 13.59 -3.18
N LEU B 9 12.62 12.64 -2.79
CA LEU B 9 12.47 11.37 -3.52
C LEU B 9 12.03 11.64 -4.97
N LEU B 10 11.13 12.60 -5.15
CA LEU B 10 10.60 12.91 -6.46
C LEU B 10 11.59 13.62 -7.38
#